data_6X25
#
_entry.id   6X25
#
_cell.length_a   51.640
_cell.length_b   51.640
_cell.length_c   143.330
_cell.angle_alpha   90.00
_cell.angle_beta   90.00
_cell.angle_gamma   90.00
#
_symmetry.space_group_name_H-M   'P 41'
#
loop_
_entity.id
_entity.type
_entity.pdbx_description
1 polymer 'Inositol polyphosphate 1-phosphatase'
2 non-polymer 'GADOLINIUM ATOM'
3 non-polymer 'SULFATE ION'
4 water water
#
_entity_poly.entity_id   1
_entity_poly.type   'polypeptide(L)'
_entity_poly.pdbx_seq_one_letter_code
;MSDILQELLRVSEKAANIARACRQQETLFQLLIEEKKEGEKNKKFAVDFKTLADVLVQEVIKENMENKFPGLGKKIFGEE
SNELTNDLGEKIIMRLGPTEEETVALLSKVLNGNKLASEALAKVVHQDVFFSDPALDSVEINIPQDILGIWVDPIDSTYQ
YIKGSADITPNQGIFPSGLQCVTVLIGVYDIQTGVPLMGVINQPFVSQDLHTRRWKGQCYWGLSYLGTNIHSLLPPVSTR
SNSEAQSQGTQNPSSEGSCRFSVVISTSEKETIKGALSHVCGERIFRAAGAGYKSLCVILGLADIYIFSEDTTFKWDSCA
AHAILRAMGGGMVDLKECLERNPDTGLDLPQLVYHVGNEGAAGVDQWANKGGLIAYRSEKQLETFLSRLLQHLAPVATHT
;
_entity_poly.pdbx_strand_id   A
#
loop_
_chem_comp.id
_chem_comp.type
_chem_comp.name
_chem_comp.formula
GD non-polymer 'GADOLINIUM ATOM' Gd
SO4 non-polymer 'SULFATE ION' 'O4 S -2'
#
# COMPACT_ATOMS: atom_id res chain seq x y z
N MET A 1 3.86 -19.33 -0.64
CA MET A 1 4.65 -18.10 -1.00
C MET A 1 5.10 -17.33 0.22
N SER A 2 5.39 -18.03 1.31
CA SER A 2 5.83 -17.45 2.59
C SER A 2 7.20 -16.79 2.42
N ASP A 3 8.08 -17.41 1.63
CA ASP A 3 9.45 -16.91 1.34
C ASP A 3 9.35 -15.59 0.54
N ILE A 4 8.43 -15.53 -0.43
CA ILE A 4 8.12 -14.30 -1.22
C ILE A 4 7.50 -13.26 -0.28
N LEU A 5 6.48 -13.66 0.48
CA LEU A 5 5.76 -12.79 1.46
C LEU A 5 6.76 -12.23 2.47
N GLN A 6 7.65 -13.09 2.99
CA GLN A 6 8.72 -12.72 3.96
C GLN A 6 9.59 -11.61 3.35
N GLU A 7 9.92 -11.72 2.07
CA GLU A 7 10.77 -10.77 1.33
C GLU A 7 10.00 -9.47 1.08
N LEU A 8 8.67 -9.57 0.93
CA LEU A 8 7.76 -8.42 0.65
C LEU A 8 7.64 -7.54 1.91
N LEU A 9 7.69 -8.15 3.10
CA LEU A 9 7.71 -7.44 4.43
C LEU A 9 8.92 -6.52 4.49
N ARG A 10 10.08 -6.99 4.01
CA ARG A 10 11.37 -6.22 3.97
C ARG A 10 11.17 -4.96 3.13
N VAL A 11 10.85 -5.13 1.84
CA VAL A 11 10.82 -4.04 0.81
C VAL A 11 9.72 -3.04 1.18
N SER A 12 8.68 -3.50 1.88
CA SER A 12 7.58 -2.66 2.42
C SER A 12 8.13 -1.69 3.48
N GLU A 13 9.03 -2.17 4.34
CA GLU A 13 9.72 -1.38 5.39
C GLU A 13 10.79 -0.51 4.72
N LYS A 14 11.41 -1.00 3.64
CA LYS A 14 12.37 -0.25 2.81
C LYS A 14 11.64 0.90 2.11
N ALA A 15 10.41 0.64 1.63
CA ALA A 15 9.51 1.64 1.01
C ALA A 15 9.08 2.68 2.06
N ALA A 16 8.84 2.23 3.30
CA ALA A 16 8.47 3.07 4.46
C ALA A 16 9.65 3.98 4.82
N ASN A 17 10.87 3.44 4.77
CA ASN A 17 12.14 4.18 5.04
C ASN A 17 12.23 5.37 4.08
N ILE A 18 11.98 5.13 2.77
CA ILE A 18 12.02 6.17 1.69
C ILE A 18 10.92 7.22 1.98
N ALA A 19 9.72 6.75 2.31
CA ALA A 19 8.53 7.59 2.62
C ALA A 19 8.85 8.50 3.82
N ARG A 20 9.40 7.93 4.89
CA ARG A 20 9.80 8.65 6.13
C ARG A 20 10.98 9.59 5.82
N ALA A 21 11.96 9.09 5.04
CA ALA A 21 13.23 9.79 4.70
C ALA A 21 12.92 11.17 4.10
N CYS A 22 12.06 11.21 3.07
CA CYS A 22 11.76 12.42 2.26
C CYS A 22 11.18 13.53 3.16
N ARG A 23 10.34 13.14 4.13
CA ARG A 23 9.63 14.08 5.03
C ARG A 23 10.58 14.57 6.15
N GLN A 24 11.48 13.70 6.61
CA GLN A 24 12.23 13.86 7.89
C GLN A 24 13.60 14.52 7.64
N GLN A 25 14.03 14.61 6.36
CA GLN A 25 15.34 15.19 5.95
C GLN A 25 15.11 16.51 5.20
N GLU A 26 15.82 17.58 5.61
CA GLU A 26 15.52 19.00 5.24
C GLU A 26 15.60 19.15 3.71
N THR A 27 16.66 18.63 3.09
CA THR A 27 16.92 18.70 1.63
C THR A 27 15.71 18.17 0.86
N LEU A 28 15.23 16.97 1.23
CA LEU A 28 14.11 16.27 0.56
C LEU A 28 12.78 16.90 0.98
N PHE A 29 12.71 17.43 2.21
CA PHE A 29 11.50 18.07 2.81
C PHE A 29 11.13 19.32 2.00
N GLN A 30 12.09 20.24 1.81
CA GLN A 30 11.91 21.56 1.13
C GLN A 30 11.32 21.33 -0.28
N LEU A 31 11.77 20.28 -0.98
CA LEU A 31 11.26 19.87 -2.32
C LEU A 31 9.78 19.49 -2.23
N ALA A 46 6.87 21.35 -13.95
CA ALA A 46 8.10 21.62 -13.17
C ALA A 46 8.45 20.39 -12.31
N VAL A 47 9.25 20.58 -11.24
CA VAL A 47 9.69 19.50 -10.29
C VAL A 47 8.46 19.01 -9.51
N ASP A 48 7.94 17.83 -9.87
CA ASP A 48 6.86 17.12 -9.13
C ASP A 48 7.51 16.02 -8.28
N PHE A 49 7.73 16.30 -7.00
CA PHE A 49 8.53 15.46 -6.06
C PHE A 49 7.76 14.19 -5.72
N LYS A 50 6.44 14.31 -5.56
CA LYS A 50 5.56 13.23 -5.05
C LYS A 50 5.51 12.09 -6.05
N THR A 51 5.29 12.40 -7.32
CA THR A 51 5.36 11.46 -8.46
C THR A 51 6.74 10.77 -8.44
N LEU A 52 7.81 11.53 -8.20
CA LEU A 52 9.21 11.02 -8.08
C LEU A 52 9.30 10.07 -6.88
N ALA A 53 8.77 10.50 -5.72
CA ALA A 53 8.73 9.70 -4.46
C ALA A 53 7.96 8.40 -4.69
N ASP A 54 6.85 8.46 -5.44
CA ASP A 54 6.01 7.29 -5.83
C ASP A 54 6.81 6.39 -6.77
N VAL A 55 7.26 6.93 -7.92
CA VAL A 55 7.95 6.18 -9.02
C VAL A 55 9.19 5.47 -8.44
N LEU A 56 9.88 6.12 -7.48
CA LEU A 56 11.13 5.60 -6.85
C LEU A 56 10.79 4.37 -5.97
N VAL A 57 9.76 4.50 -5.11
CA VAL A 57 9.35 3.45 -4.12
C VAL A 57 8.91 2.18 -4.89
N GLN A 58 8.08 2.35 -5.93
CA GLN A 58 7.48 1.23 -6.73
C GLN A 58 8.59 0.48 -7.49
N GLU A 59 9.61 1.21 -7.97
CA GLU A 59 10.78 0.65 -8.70
C GLU A 59 11.64 -0.17 -7.72
N VAL A 60 11.92 0.39 -6.53
CA VAL A 60 12.73 -0.26 -5.44
C VAL A 60 12.11 -1.62 -5.11
N ILE A 61 10.78 -1.66 -4.96
CA ILE A 61 9.98 -2.91 -4.74
C ILE A 61 10.16 -3.83 -5.96
N LYS A 62 9.90 -3.29 -7.17
CA LYS A 62 9.96 -4.04 -8.46
C LYS A 62 11.33 -4.72 -8.61
N GLU A 63 12.42 -3.94 -8.44
CA GLU A 63 13.82 -4.38 -8.67
C GLU A 63 14.21 -5.44 -7.64
N ASN A 64 13.94 -5.16 -6.35
CA ASN A 64 14.38 -5.99 -5.18
C ASN A 64 13.78 -7.40 -5.29
N MET A 65 12.55 -7.50 -5.80
CA MET A 65 11.78 -8.78 -5.89
C MET A 65 12.28 -9.59 -7.10
N GLU A 66 12.55 -8.93 -8.22
CA GLU A 66 13.23 -9.52 -9.42
C GLU A 66 14.63 -10.01 -9.01
N ASN A 67 15.29 -9.28 -8.12
CA ASN A 67 16.67 -9.58 -7.62
C ASN A 67 16.64 -10.90 -6.82
N LYS A 68 15.59 -11.12 -6.03
CA LYS A 68 15.47 -12.24 -5.04
C LYS A 68 14.71 -13.42 -5.68
N PHE A 69 13.83 -13.14 -6.65
CA PHE A 69 12.95 -14.14 -7.33
C PHE A 69 12.88 -13.82 -8.82
N PRO A 70 13.90 -14.22 -9.63
CA PRO A 70 13.90 -13.94 -11.05
C PRO A 70 12.58 -14.32 -11.72
N GLY A 71 12.02 -13.39 -12.52
CA GLY A 71 10.80 -13.61 -13.34
C GLY A 71 9.55 -13.00 -12.71
N LEU A 72 9.70 -12.35 -11.53
CA LEU A 72 8.60 -11.61 -10.80
C LEU A 72 8.57 -10.15 -11.26
N GLY A 73 9.74 -9.61 -11.68
CA GLY A 73 9.89 -8.21 -12.14
C GLY A 73 8.79 -7.80 -13.11
N LYS A 74 8.48 -8.67 -14.09
CA LYS A 74 7.55 -8.39 -15.22
C LYS A 74 6.09 -8.66 -14.79
N LYS A 75 5.90 -9.25 -13.59
CA LYS A 75 4.56 -9.63 -13.05
C LYS A 75 4.10 -8.58 -12.01
N ILE A 76 4.95 -7.59 -11.71
CA ILE A 76 4.69 -6.51 -10.71
C ILE A 76 4.08 -5.30 -11.44
N PHE A 77 2.82 -4.99 -11.16
CA PHE A 77 2.06 -3.84 -11.72
C PHE A 77 1.72 -2.85 -10.61
N GLY A 78 1.61 -1.56 -10.96
CA GLY A 78 1.36 -0.45 -10.01
C GLY A 78 0.71 0.74 -10.68
N GLU A 79 0.37 1.78 -9.90
CA GLU A 79 -0.48 2.93 -10.32
C GLU A 79 0.40 3.97 -11.04
N GLU A 80 1.71 3.90 -10.85
CA GLU A 80 2.71 4.81 -11.48
C GLU A 80 3.38 4.08 -12.65
N SER A 81 3.90 4.83 -13.60
CA SER A 81 4.84 4.34 -14.65
C SER A 81 6.26 4.35 -14.09
N ASN A 82 7.21 3.81 -14.84
CA ASN A 82 8.66 3.84 -14.52
C ASN A 82 9.33 4.98 -15.31
N GLU A 83 8.58 6.07 -15.56
CA GLU A 83 8.95 7.14 -16.51
C GLU A 83 8.58 8.51 -15.90
N LEU A 84 9.55 9.44 -15.83
CA LEU A 84 9.35 10.83 -15.33
C LEU A 84 9.78 11.83 -16.41
N THR A 85 9.02 12.93 -16.56
CA THR A 85 9.35 14.09 -17.42
C THR A 85 9.90 15.22 -16.55
N ASN A 86 11.20 15.55 -16.71
CA ASN A 86 11.92 16.57 -15.91
C ASN A 86 11.54 17.98 -16.43
N ASP A 87 12.19 19.02 -15.89
CA ASP A 87 11.84 20.46 -16.13
C ASP A 87 12.19 20.83 -17.58
N LEU A 88 13.17 20.16 -18.17
CA LEU A 88 13.63 20.38 -19.57
C LEU A 88 12.60 19.79 -20.54
N GLY A 89 11.93 18.70 -20.14
CA GLY A 89 11.00 17.94 -20.99
C GLY A 89 11.56 16.57 -21.38
N GLU A 90 12.80 16.27 -20.94
CA GLU A 90 13.46 14.96 -21.13
C GLU A 90 12.71 13.89 -20.35
N LYS A 91 12.28 12.83 -21.03
CA LYS A 91 11.60 11.66 -20.41
C LYS A 91 12.65 10.65 -19.96
N ILE A 92 12.73 10.40 -18.65
CA ILE A 92 13.77 9.55 -18.00
C ILE A 92 13.12 8.24 -17.55
N ILE A 93 13.63 7.10 -18.03
CA ILE A 93 13.24 5.73 -17.59
C ILE A 93 13.89 5.46 -16.24
N MET A 94 13.09 5.45 -15.16
CA MET A 94 13.55 5.31 -13.76
C MET A 94 14.08 3.88 -13.53
N ARG A 95 15.37 3.66 -13.79
CA ARG A 95 16.08 2.37 -13.54
C ARG A 95 17.24 2.64 -12.59
N LEU A 96 17.17 2.08 -11.39
CA LEU A 96 18.15 2.32 -10.28
C LEU A 96 19.29 1.31 -10.41
N GLY A 97 20.41 1.59 -9.74
CA GLY A 97 21.55 0.67 -9.60
C GLY A 97 22.34 0.53 -10.91
N PRO A 98 23.20 -0.53 -11.04
CA PRO A 98 23.38 -1.52 -9.98
C PRO A 98 24.06 -0.93 -8.72
N THR A 99 25.05 -0.04 -8.93
CA THR A 99 25.82 0.65 -7.86
C THR A 99 25.04 1.88 -7.38
N GLU A 100 25.45 2.47 -6.25
CA GLU A 100 24.83 3.67 -5.64
C GLU A 100 25.08 4.90 -6.53
N GLU A 101 26.28 4.98 -7.11
CA GLU A 101 26.74 6.14 -7.95
C GLU A 101 25.77 6.32 -9.15
N GLU A 102 25.45 5.20 -9.83
CA GLU A 102 24.55 5.19 -11.04
C GLU A 102 23.21 5.86 -10.69
N THR A 103 22.68 5.60 -9.49
CA THR A 103 21.35 6.09 -9.01
C THR A 103 21.41 7.61 -8.78
N VAL A 104 22.55 8.11 -8.29
CA VAL A 104 22.80 9.58 -8.04
C VAL A 104 22.77 10.31 -9.39
N ALA A 105 23.38 9.73 -10.42
CA ALA A 105 23.47 10.28 -11.80
C ALA A 105 22.08 10.30 -12.44
N LEU A 106 21.23 9.32 -12.10
CA LEU A 106 19.83 9.20 -12.59
C LEU A 106 18.96 10.30 -11.96
N LEU A 107 19.01 10.42 -10.62
CA LEU A 107 18.13 11.34 -9.82
C LEU A 107 18.50 12.80 -10.12
N SER A 108 19.79 13.06 -10.39
CA SER A 108 20.34 14.41 -10.71
C SER A 108 19.77 14.91 -12.05
N LYS A 109 19.48 13.98 -12.98
CA LYS A 109 18.87 14.26 -14.31
C LYS A 109 17.40 14.70 -14.13
N VAL A 110 16.77 14.29 -13.02
CA VAL A 110 15.35 14.59 -12.68
C VAL A 110 15.29 15.91 -11.88
N LEU A 111 16.27 16.12 -10.97
CA LEU A 111 16.25 17.20 -9.94
C LEU A 111 17.06 18.43 -10.44
N ASN A 112 17.38 18.47 -11.76
CA ASN A 112 18.02 19.63 -12.46
C ASN A 112 19.51 19.73 -12.04
N GLY A 113 20.03 18.69 -11.34
CA GLY A 113 21.43 18.61 -10.90
C GLY A 113 21.59 18.96 -9.42
N ASN A 114 20.51 18.83 -8.63
CA ASN A 114 20.53 18.93 -7.15
C ASN A 114 21.29 17.72 -6.58
N LYS A 115 22.57 17.90 -6.24
CA LYS A 115 23.52 16.80 -5.91
C LYS A 115 23.33 16.36 -4.46
N LEU A 116 23.00 17.30 -3.56
CA LEU A 116 22.76 17.04 -2.11
C LEU A 116 21.52 16.16 -1.94
N ALA A 117 20.44 16.47 -2.68
CA ALA A 117 19.14 15.74 -2.66
C ALA A 117 19.31 14.37 -3.31
N SER A 118 20.04 14.30 -4.43
CA SER A 118 20.29 13.05 -5.22
C SER A 118 21.06 12.03 -4.35
N GLU A 119 22.11 12.49 -3.65
CA GLU A 119 22.98 11.64 -2.78
C GLU A 119 22.20 11.23 -1.52
N ALA A 120 21.18 12.03 -1.13
CA ALA A 120 20.31 11.78 0.05
C ALA A 120 19.41 10.58 -0.22
N LEU A 121 18.67 10.61 -1.33
CA LEU A 121 17.70 9.54 -1.74
C LEU A 121 18.47 8.22 -1.96
N ALA A 122 19.56 8.27 -2.71
CA ALA A 122 20.37 7.09 -3.14
C ALA A 122 20.77 6.26 -1.91
N LYS A 123 21.19 6.93 -0.83
CA LYS A 123 21.71 6.28 0.41
C LYS A 123 20.59 5.47 1.08
N VAL A 124 19.36 5.99 1.03
CA VAL A 124 18.15 5.35 1.66
C VAL A 124 17.66 4.22 0.75
N VAL A 125 17.83 4.37 -0.57
CA VAL A 125 17.35 3.41 -1.61
C VAL A 125 18.21 2.13 -1.55
N HIS A 126 19.53 2.29 -1.42
CA HIS A 126 20.54 1.18 -1.47
C HIS A 126 20.82 0.66 -0.04
N GLN A 127 20.30 1.37 0.98
CA GLN A 127 20.40 0.98 2.41
C GLN A 127 19.81 -0.41 2.60
N ASP A 128 20.52 -1.31 3.29
CA ASP A 128 20.06 -2.67 3.64
C ASP A 128 19.07 -2.56 4.80
N VAL A 129 18.00 -3.35 4.76
CA VAL A 129 17.00 -3.51 5.87
C VAL A 129 16.73 -5.00 6.08
N PHE A 130 16.74 -5.44 7.34
CA PHE A 130 16.64 -6.86 7.75
C PHE A 130 15.41 -7.06 8.64
N PHE A 131 14.26 -6.51 8.21
CA PHE A 131 12.93 -6.68 8.86
C PHE A 131 12.39 -8.07 8.56
N SER A 132 12.17 -8.88 9.62
CA SER A 132 11.84 -10.33 9.53
C SER A 132 10.91 -10.72 10.69
N ASP A 133 9.67 -11.13 10.37
CA ASP A 133 8.69 -11.68 11.34
C ASP A 133 9.11 -13.11 11.71
N PRO A 134 9.33 -13.39 13.03
CA PRO A 134 9.68 -14.74 13.47
C PRO A 134 8.54 -15.76 13.25
N ALA A 135 7.29 -15.27 13.24
CA ALA A 135 6.06 -16.09 13.08
C ALA A 135 6.04 -16.73 11.68
N LEU A 136 6.44 -15.97 10.66
CA LEU A 136 6.33 -16.36 9.22
C LEU A 136 7.51 -17.26 8.82
N ASP A 137 8.60 -17.24 9.61
CA ASP A 137 9.80 -18.12 9.44
C ASP A 137 9.39 -19.58 9.71
N SER A 138 8.43 -19.80 10.61
CA SER A 138 7.88 -21.13 10.98
C SER A 138 7.03 -21.68 9.82
N VAL A 139 6.41 -20.79 9.04
CA VAL A 139 5.51 -21.14 7.88
C VAL A 139 6.38 -21.57 6.70
N GLU A 140 6.07 -22.73 6.10
CA GLU A 140 6.68 -23.22 4.84
C GLU A 140 5.58 -23.56 3.83
N ILE A 141 5.11 -22.55 3.10
CA ILE A 141 4.08 -22.68 2.01
C ILE A 141 4.76 -22.35 0.67
N ASN A 142 4.61 -23.25 -0.31
CA ASN A 142 5.13 -23.08 -1.69
C ASN A 142 3.97 -22.76 -2.63
N ILE A 143 4.03 -21.62 -3.32
CA ILE A 143 3.13 -21.24 -4.44
C ILE A 143 3.94 -21.19 -5.72
N PRO A 144 3.46 -21.82 -6.84
CA PRO A 144 4.08 -21.67 -8.14
C PRO A 144 4.17 -20.19 -8.56
N GLN A 145 5.37 -19.73 -8.91
CA GLN A 145 5.68 -18.31 -9.21
C GLN A 145 5.03 -17.91 -10.55
N ASP A 146 4.62 -18.92 -11.36
CA ASP A 146 4.14 -18.73 -12.76
C ASP A 146 2.68 -18.23 -12.74
N ILE A 147 2.00 -18.28 -11.57
CA ILE A 147 0.53 -17.99 -11.42
C ILE A 147 0.34 -16.69 -10.62
N LEU A 148 1.44 -16.04 -10.21
CA LEU A 148 1.43 -14.86 -9.31
C LEU A 148 1.41 -13.58 -10.15
N GLY A 149 0.56 -12.63 -9.78
CA GLY A 149 0.63 -11.21 -10.21
C GLY A 149 0.51 -10.28 -9.01
N ILE A 150 1.22 -9.16 -9.04
CA ILE A 150 1.42 -8.25 -7.87
C ILE A 150 0.95 -6.84 -8.25
N TRP A 151 -0.06 -6.31 -7.54
CA TRP A 151 -0.50 -4.89 -7.59
C TRP A 151 0.19 -4.11 -6.48
N VAL A 152 1.00 -3.10 -6.84
CA VAL A 152 1.75 -2.22 -5.89
C VAL A 152 1.09 -0.83 -5.88
N ASP A 153 0.86 -0.28 -4.69
CA ASP A 153 0.63 1.17 -4.47
C ASP A 153 1.77 1.71 -3.61
N PRO A 154 2.69 2.52 -4.20
CA PRO A 154 3.91 2.91 -3.50
C PRO A 154 3.63 3.71 -2.21
N ILE A 155 2.82 4.77 -2.32
CA ILE A 155 2.40 5.64 -1.17
C ILE A 155 0.94 6.06 -1.38
N ASP A 156 0.00 5.33 -0.76
CA ASP A 156 -1.45 5.65 -0.78
C ASP A 156 -1.72 6.84 0.13
N SER A 157 -2.72 7.67 -0.22
CA SER A 157 -3.08 8.96 0.45
C SER A 157 -1.96 9.98 0.19
N THR A 158 -1.71 10.28 -1.09
CA THR A 158 -0.64 11.19 -1.57
C THR A 158 -0.82 12.58 -0.95
N TYR A 159 -2.07 13.08 -0.92
CA TYR A 159 -2.44 14.42 -0.39
C TYR A 159 -2.00 14.54 1.08
N GLN A 160 -2.39 13.57 1.91
CA GLN A 160 -2.13 13.54 3.39
C GLN A 160 -0.62 13.48 3.64
N TYR A 161 0.11 12.73 2.81
CA TYR A 161 1.57 12.54 2.89
C TYR A 161 2.26 13.90 2.75
N ILE A 162 1.78 14.76 1.83
CA ILE A 162 2.42 16.07 1.45
C ILE A 162 2.07 17.13 2.51
N LYS A 163 0.79 17.19 2.94
CA LYS A 163 0.31 18.07 4.03
C LYS A 163 1.14 17.80 5.30
N GLY A 164 1.19 16.52 5.73
CA GLY A 164 2.09 16.04 6.79
C GLY A 164 1.65 16.54 8.16
N SER A 165 0.40 16.27 8.54
CA SER A 165 -0.19 16.64 9.85
C SER A 165 0.14 15.56 10.89
N ALA A 166 0.95 15.91 11.90
CA ALA A 166 1.47 15.00 12.94
C ALA A 166 0.74 15.24 14.27
N ASP A 167 -0.33 16.04 14.24
CA ASP A 167 -0.93 16.70 15.43
C ASP A 167 -2.46 16.45 15.45
N ILE A 168 -2.94 15.52 14.62
CA ILE A 168 -4.39 15.16 14.49
C ILE A 168 -4.76 14.20 15.61
N THR A 169 -5.84 14.49 16.33
CA THR A 169 -6.44 13.61 17.37
C THR A 169 -7.44 12.67 16.71
N PRO A 170 -7.31 11.33 16.94
CA PRO A 170 -8.23 10.37 16.33
C PRO A 170 -9.61 10.37 16.99
N ASN A 171 -10.68 10.23 16.18
CA ASN A 171 -12.09 10.10 16.65
C ASN A 171 -12.39 8.61 16.89
N GLN A 172 -12.23 8.16 18.14
CA GLN A 172 -12.54 6.78 18.60
C GLN A 172 -11.64 5.78 17.83
N GLY A 173 -10.32 6.06 17.77
CA GLY A 173 -9.30 5.16 17.21
C GLY A 173 -9.03 5.43 15.73
N ILE A 174 -9.96 6.10 15.05
CA ILE A 174 -9.95 6.34 13.57
C ILE A 174 -9.50 7.77 13.30
N PHE A 175 -8.34 7.93 12.66
CA PHE A 175 -7.78 9.22 12.22
C PHE A 175 -8.55 9.72 10.99
N PRO A 176 -9.19 10.92 11.06
CA PRO A 176 -9.90 11.48 9.92
C PRO A 176 -8.94 12.00 8.85
N SER A 177 -7.78 12.51 9.27
CA SER A 177 -6.67 12.96 8.41
C SER A 177 -5.32 12.67 9.11
N GLY A 178 -4.22 13.12 8.53
CA GLY A 178 -2.87 13.01 9.11
C GLY A 178 -2.04 11.96 8.39
N LEU A 179 -0.80 11.77 8.84
CA LEU A 179 0.20 10.85 8.20
C LEU A 179 -0.14 9.40 8.57
N GLN A 180 -1.03 9.20 9.53
CA GLN A 180 -1.51 7.87 9.99
C GLN A 180 -2.34 7.22 8.86
N CYS A 181 -2.86 8.02 7.93
CA CYS A 181 -3.74 7.59 6.81
C CYS A 181 -2.88 7.10 5.63
N VAL A 182 -1.59 7.50 5.58
CA VAL A 182 -0.61 7.09 4.53
C VAL A 182 -0.27 5.60 4.75
N THR A 183 -0.36 4.78 3.68
CA THR A 183 -0.06 3.32 3.69
C THR A 183 0.73 2.96 2.43
N VAL A 184 1.67 2.02 2.56
CA VAL A 184 2.32 1.30 1.42
C VAL A 184 1.57 -0.03 1.21
N LEU A 185 0.94 -0.20 0.06
CA LEU A 185 0.07 -1.38 -0.27
C LEU A 185 0.79 -2.27 -1.29
N ILE A 186 1.01 -3.54 -0.93
CA ILE A 186 1.51 -4.60 -1.85
C ILE A 186 0.56 -5.79 -1.79
N GLY A 187 -0.12 -6.09 -2.91
CA GLY A 187 -1.05 -7.22 -3.04
C GLY A 187 -0.56 -8.24 -4.04
N VAL A 188 -0.79 -9.53 -3.76
CA VAL A 188 -0.46 -10.67 -4.67
C VAL A 188 -1.75 -11.44 -4.94
N TYR A 189 -2.03 -11.75 -6.21
CA TYR A 189 -3.29 -12.38 -6.68
C TYR A 189 -2.97 -13.55 -7.63
N ASP A 190 -4.00 -14.33 -7.97
CA ASP A 190 -3.91 -15.51 -8.87
C ASP A 190 -4.24 -15.06 -10.31
N ILE A 191 -3.32 -15.26 -11.25
CA ILE A 191 -3.39 -14.74 -12.65
C ILE A 191 -4.63 -15.33 -13.37
N GLN A 192 -4.96 -16.60 -13.07
CA GLN A 192 -5.99 -17.39 -13.79
C GLN A 192 -7.38 -17.10 -13.19
N THR A 193 -7.50 -17.15 -11.86
CA THR A 193 -8.80 -17.06 -11.11
C THR A 193 -9.05 -15.61 -10.67
N GLY A 194 -7.99 -14.84 -10.41
CA GLY A 194 -8.05 -13.40 -10.07
C GLY A 194 -8.32 -13.19 -8.58
N VAL A 195 -8.22 -14.25 -7.78
CA VAL A 195 -8.41 -14.20 -6.30
C VAL A 195 -7.13 -13.65 -5.66
N PRO A 196 -7.25 -12.69 -4.70
CA PRO A 196 -6.10 -12.24 -3.94
C PRO A 196 -5.60 -13.32 -2.96
N LEU A 197 -4.28 -13.54 -2.92
CA LEU A 197 -3.61 -14.67 -2.20
C LEU A 197 -2.83 -14.12 -1.00
N MET A 198 -2.01 -13.09 -1.22
CA MET A 198 -1.13 -12.47 -0.21
C MET A 198 -1.28 -10.95 -0.25
N GLY A 199 -1.01 -10.28 0.86
CA GLY A 199 -1.10 -8.82 1.00
C GLY A 199 -0.21 -8.31 2.11
N VAL A 200 0.46 -7.18 1.88
CA VAL A 200 1.29 -6.44 2.88
C VAL A 200 0.79 -5.00 2.95
N ILE A 201 0.51 -4.51 4.16
CA ILE A 201 0.20 -3.08 4.45
C ILE A 201 1.22 -2.56 5.46
N ASN A 202 1.88 -1.45 5.15
CA ASN A 202 2.87 -0.78 6.02
C ASN A 202 2.43 0.67 6.26
N GLN A 203 2.06 0.99 7.51
CA GLN A 203 1.90 2.37 8.01
C GLN A 203 3.28 2.93 8.37
N PRO A 204 3.88 3.80 7.50
CA PRO A 204 5.18 4.41 7.81
C PRO A 204 5.10 5.32 9.06
N PHE A 205 3.99 6.04 9.21
CA PHE A 205 3.75 7.04 10.29
C PHE A 205 2.60 6.57 11.19
N VAL A 206 2.94 5.97 12.35
CA VAL A 206 1.97 5.48 13.37
C VAL A 206 2.12 6.32 14.63
N SER A 207 3.25 6.17 15.34
CA SER A 207 3.55 6.86 16.62
C SER A 207 4.84 7.67 16.46
N GLN A 208 4.75 8.99 16.63
CA GLN A 208 5.93 9.92 16.62
C GLN A 208 6.23 10.33 18.05
N ASP A 209 7.49 10.20 18.46
CA ASP A 209 8.03 10.79 19.71
C ASP A 209 8.18 12.30 19.51
N LEU A 210 7.58 13.09 20.41
CA LEU A 210 7.50 14.57 20.31
C LEU A 210 8.91 15.18 20.43
N HIS A 211 9.79 14.53 21.20
CA HIS A 211 11.11 15.06 21.64
C HIS A 211 12.18 14.80 20.55
N THR A 212 12.21 13.57 19.99
CA THR A 212 13.22 13.11 18.99
C THR A 212 12.65 13.31 17.56
N ARG A 213 11.32 13.42 17.43
CA ARG A 213 10.60 13.76 16.15
C ARG A 213 10.68 12.56 15.17
N ARG A 214 11.20 11.42 15.63
CA ARG A 214 11.30 10.16 14.84
C ARG A 214 9.92 9.51 14.74
N TRP A 215 9.61 8.89 13.59
CA TRP A 215 8.36 8.14 13.33
C TRP A 215 8.62 6.63 13.41
N LYS A 216 7.82 5.91 14.19
CA LYS A 216 7.76 4.43 14.20
C LYS A 216 6.55 3.98 13.39
N GLY A 217 6.73 2.97 12.53
CA GLY A 217 5.69 2.43 11.65
C GLY A 217 5.16 1.10 12.16
N GLN A 218 4.19 0.52 11.46
CA GLN A 218 3.60 -0.81 11.79
CA GLN A 218 3.60 -0.81 11.79
C GLN A 218 3.27 -1.54 10.49
N CYS A 219 3.75 -2.78 10.37
CA CYS A 219 3.55 -3.67 9.19
C CYS A 219 2.46 -4.72 9.51
N TYR A 220 1.56 -4.97 8.57
CA TYR A 220 0.53 -6.05 8.61
C TYR A 220 0.64 -6.89 7.33
N TRP A 221 0.24 -8.16 7.41
CA TRP A 221 0.25 -9.12 6.27
C TRP A 221 -0.85 -10.15 6.44
N GLY A 222 -1.14 -10.90 5.38
CA GLY A 222 -2.11 -12.01 5.37
C GLY A 222 -1.91 -12.90 4.16
N LEU A 223 -2.21 -14.19 4.30
CA LEU A 223 -2.07 -15.21 3.23
C LEU A 223 -3.33 -16.08 3.19
N SER A 224 -3.92 -16.24 2.00
CA SER A 224 -5.11 -17.10 1.73
C SER A 224 -4.88 -17.91 0.44
N TYR A 225 -4.22 -19.07 0.56
CA TYR A 225 -3.83 -19.97 -0.57
C TYR A 225 -4.40 -21.37 -0.34
N LEU A 226 -5.30 -21.82 -1.23
CA LEU A 226 -5.86 -23.20 -1.27
C LEU A 226 -6.36 -23.60 0.13
N GLY A 227 -7.06 -22.69 0.80
CA GLY A 227 -7.82 -22.97 2.05
C GLY A 227 -6.94 -22.89 3.30
N THR A 228 -5.71 -22.38 3.14
CA THR A 228 -4.77 -22.07 4.27
C THR A 228 -4.79 -20.56 4.52
N ASN A 229 -5.25 -20.13 5.69
CA ASN A 229 -5.46 -18.72 6.06
C ASN A 229 -4.60 -18.37 7.27
N ILE A 230 -3.57 -17.53 7.08
CA ILE A 230 -2.71 -16.98 8.18
C ILE A 230 -2.57 -15.46 7.98
N HIS A 231 -2.29 -14.72 9.05
CA HIS A 231 -2.18 -13.23 9.07
C HIS A 231 -1.39 -12.78 10.31
N SER A 232 -0.76 -11.62 10.22
CA SER A 232 0.04 -10.98 11.32
C SER A 232 -0.81 -10.89 12.60
N LEU A 233 -0.16 -10.91 13.76
CA LEU A 233 -0.81 -10.72 15.09
C LEU A 233 -1.37 -9.30 15.17
N LEU A 234 -2.67 -9.17 15.49
CA LEU A 234 -3.41 -7.88 15.53
C LEU A 234 -3.45 -7.37 16.97
N PRO A 235 -3.06 -6.09 17.22
CA PRO A 235 -3.17 -5.51 18.56
C PRO A 235 -4.63 -5.42 19.03
N PRO A 236 -4.91 -5.65 20.34
CA PRO A 236 -6.27 -5.55 20.87
C PRO A 236 -6.83 -4.11 20.79
N VAL A 237 -8.14 -3.96 21.01
CA VAL A 237 -8.86 -2.64 21.03
C VAL A 237 -8.70 -1.97 19.64
N VAL A 263 -23.38 -1.02 14.18
CA VAL A 263 -22.15 -1.22 13.34
C VAL A 263 -21.36 0.10 13.30
N VAL A 264 -20.04 0.00 13.07
CA VAL A 264 -19.13 1.16 12.86
C VAL A 264 -18.72 1.20 11.37
N ILE A 265 -19.09 2.26 10.67
CA ILE A 265 -18.86 2.43 9.20
C ILE A 265 -17.85 3.55 8.99
N SER A 266 -16.91 3.36 8.07
CA SER A 266 -15.91 4.36 7.62
C SER A 266 -16.14 4.70 6.15
N THR A 267 -16.11 5.99 5.80
CA THR A 267 -16.24 6.50 4.41
C THR A 267 -15.13 7.53 4.16
N SER A 268 -14.86 7.82 2.88
CA SER A 268 -13.89 8.85 2.43
C SER A 268 -14.43 10.25 2.77
N GLU A 269 -13.58 11.28 2.62
CA GLU A 269 -13.90 12.69 2.99
C GLU A 269 -14.69 13.37 1.85
N LYS A 270 -14.71 12.75 0.67
CA LYS A 270 -15.42 13.25 -0.55
C LYS A 270 -16.71 12.42 -0.79
N GLU A 271 -17.00 11.47 0.11
CA GLU A 271 -18.19 10.54 0.03
C GLU A 271 -19.48 11.38 0.09
N THR A 272 -20.50 10.99 -0.69
CA THR A 272 -21.76 11.76 -0.92
C THR A 272 -22.91 10.80 -1.32
N ILE A 273 -23.07 9.68 -0.59
CA ILE A 273 -24.21 8.71 -0.75
C ILE A 273 -24.79 8.39 0.64
N LYS A 274 -26.08 8.01 0.69
CA LYS A 274 -26.80 7.62 1.92
C LYS A 274 -26.40 6.19 2.30
N ARG A 284 -23.52 4.90 13.18
CA ARG A 284 -22.27 5.60 13.63
C ARG A 284 -21.23 5.56 12.48
N ILE A 285 -21.09 6.68 11.75
CA ILE A 285 -20.23 6.79 10.53
C ILE A 285 -19.03 7.70 10.86
N PHE A 286 -17.89 7.45 10.21
CA PHE A 286 -16.62 8.19 10.40
C PHE A 286 -16.04 8.57 9.04
N ARG A 287 -15.60 9.82 8.89
CA ARG A 287 -14.71 10.30 7.79
C ARG A 287 -13.27 9.89 8.11
N ALA A 288 -12.53 9.41 7.10
CA ALA A 288 -11.12 8.97 7.22
C ALA A 288 -10.45 9.05 5.85
N ALA A 289 -9.29 9.72 5.79
CA ALA A 289 -8.46 9.88 4.58
C ALA A 289 -7.75 8.55 4.26
N GLY A 290 -7.38 8.35 3.00
CA GLY A 290 -6.64 7.17 2.52
C GLY A 290 -7.56 5.98 2.27
N ALA A 291 -7.43 5.36 1.11
CA ALA A 291 -8.15 4.12 0.72
C ALA A 291 -7.62 2.94 1.55
N GLY A 292 -6.30 2.73 1.54
CA GLY A 292 -5.61 1.62 2.22
C GLY A 292 -5.87 1.62 3.73
N TYR A 293 -5.93 2.82 4.34
CA TYR A 293 -6.15 3.03 5.80
C TYR A 293 -7.56 2.60 6.18
N LYS A 294 -8.56 3.15 5.48
CA LYS A 294 -10.00 2.83 5.68
C LYS A 294 -10.19 1.30 5.60
N SER A 295 -9.45 0.63 4.72
CA SER A 295 -9.42 -0.85 4.57
C SER A 295 -8.73 -1.49 5.78
N LEU A 296 -7.69 -0.84 6.31
CA LEU A 296 -6.90 -1.31 7.49
C LEU A 296 -7.75 -1.18 8.77
N CYS A 297 -8.64 -0.18 8.81
CA CYS A 297 -9.60 0.07 9.94
C CYS A 297 -10.51 -1.15 10.12
N VAL A 298 -10.92 -1.77 9.01
CA VAL A 298 -11.80 -3.00 8.99
C VAL A 298 -10.97 -4.19 9.50
N ILE A 299 -9.70 -4.29 9.10
CA ILE A 299 -8.76 -5.38 9.48
C ILE A 299 -8.49 -5.30 10.99
N LEU A 300 -8.19 -4.09 11.49
CA LEU A 300 -7.86 -3.83 12.93
C LEU A 300 -9.14 -3.94 13.77
N GLY A 301 -10.31 -3.77 13.15
CA GLY A 301 -11.63 -3.87 13.80
C GLY A 301 -12.08 -2.53 14.36
N LEU A 302 -11.39 -1.43 13.98
CA LEU A 302 -11.76 -0.03 14.34
C LEU A 302 -13.09 0.34 13.69
N ALA A 303 -13.35 -0.22 12.50
CA ALA A 303 -14.63 -0.12 11.78
C ALA A 303 -15.09 -1.52 11.34
N ASP A 304 -16.41 -1.73 11.23
CA ASP A 304 -17.03 -3.03 10.86
C ASP A 304 -17.23 -3.07 9.34
N ILE A 305 -17.50 -1.90 8.73
CA ILE A 305 -17.76 -1.75 7.27
C ILE A 305 -16.92 -0.57 6.74
N TYR A 306 -16.44 -0.68 5.51
CA TYR A 306 -15.85 0.44 4.72
C TYR A 306 -16.47 0.44 3.33
N ILE A 307 -17.31 1.44 3.05
CA ILE A 307 -18.12 1.54 1.79
C ILE A 307 -17.59 2.73 0.96
N PHE A 308 -17.33 2.50 -0.33
CA PHE A 308 -16.90 3.52 -1.31
C PHE A 308 -17.75 3.40 -2.57
N SER A 309 -18.53 4.44 -2.89
CA SER A 309 -19.61 4.43 -3.91
C SER A 309 -19.04 4.78 -5.28
N GLU A 310 -18.08 5.71 -5.33
CA GLU A 310 -17.48 6.25 -6.59
C GLU A 310 -16.59 5.17 -7.24
N ASP A 311 -16.11 5.42 -8.47
CA ASP A 311 -15.35 4.46 -9.32
C ASP A 311 -13.85 4.86 -9.32
N THR A 312 -13.43 5.65 -8.32
CA THR A 312 -12.13 6.38 -8.30
C THR A 312 -11.12 5.64 -7.40
N THR A 313 -11.39 4.37 -7.07
CA THR A 313 -10.39 3.39 -6.54
C THR A 313 -10.13 2.32 -7.58
N PHE A 314 -8.94 1.73 -7.55
CA PHE A 314 -8.42 0.77 -8.57
C PHE A 314 -7.98 -0.52 -7.86
N LYS A 315 -7.35 -1.42 -8.61
CA LYS A 315 -6.93 -2.77 -8.14
C LYS A 315 -5.84 -2.62 -7.06
N TRP A 316 -4.93 -1.67 -7.25
CA TRP A 316 -3.73 -1.46 -6.38
C TRP A 316 -4.16 -0.88 -5.01
N ASP A 317 -5.33 -0.22 -4.96
CA ASP A 317 -5.90 0.39 -3.72
C ASP A 317 -6.41 -0.73 -2.79
N SER A 318 -6.97 -1.81 -3.36
CA SER A 318 -7.86 -2.78 -2.66
C SER A 318 -7.13 -4.13 -2.47
N CYS A 319 -6.35 -4.58 -3.48
CA CYS A 319 -5.80 -5.97 -3.59
C CYS A 319 -5.12 -6.39 -2.28
N ALA A 320 -4.14 -5.62 -1.82
CA ALA A 320 -3.34 -5.88 -0.59
C ALA A 320 -4.29 -6.16 0.59
N ALA A 321 -5.20 -5.23 0.87
CA ALA A 321 -6.16 -5.28 2.01
C ALA A 321 -7.08 -6.50 1.86
N HIS A 322 -7.54 -6.76 0.64
CA HIS A 322 -8.49 -7.87 0.29
C HIS A 322 -7.90 -9.20 0.75
N ALA A 323 -6.67 -9.51 0.33
CA ALA A 323 -5.94 -10.77 0.64
C ALA A 323 -5.91 -11.00 2.16
N ILE A 324 -5.71 -9.92 2.93
CA ILE A 324 -5.62 -9.95 4.42
C ILE A 324 -7.02 -10.18 5.01
N LEU A 325 -8.01 -9.47 4.49
CA LEU A 325 -9.44 -9.60 4.89
C LEU A 325 -9.94 -11.01 4.54
N ARG A 326 -9.45 -11.60 3.44
CA ARG A 326 -9.76 -12.99 2.99
C ARG A 326 -9.24 -13.98 4.03
N ALA A 327 -8.05 -13.72 4.60
CA ALA A 327 -7.34 -14.60 5.56
C ALA A 327 -8.04 -14.58 6.92
N MET A 328 -9.00 -13.65 7.09
CA MET A 328 -9.79 -13.49 8.35
C MET A 328 -11.29 -13.74 8.05
N GLY A 329 -11.58 -14.39 6.91
CA GLY A 329 -12.93 -14.88 6.55
C GLY A 329 -13.77 -13.81 5.85
N GLY A 330 -13.29 -12.56 5.83
CA GLY A 330 -13.97 -11.41 5.20
C GLY A 330 -13.64 -11.28 3.73
N GLY A 331 -13.60 -10.05 3.22
CA GLY A 331 -13.24 -9.74 1.82
C GLY A 331 -13.82 -8.42 1.36
N MET A 332 -13.96 -8.23 0.05
CA MET A 332 -14.50 -6.99 -0.58
C MET A 332 -15.42 -7.38 -1.73
N VAL A 333 -16.56 -6.69 -1.85
CA VAL A 333 -17.64 -6.98 -2.85
C VAL A 333 -17.93 -5.70 -3.64
N ASP A 334 -18.38 -5.84 -4.88
CA ASP A 334 -18.83 -4.73 -5.76
C ASP A 334 -20.16 -4.18 -5.21
N LEU A 335 -20.15 -2.91 -4.75
CA LEU A 335 -21.31 -2.25 -4.07
C LEU A 335 -22.54 -2.30 -5.00
N LYS A 336 -22.39 -1.81 -6.23
CA LYS A 336 -23.49 -1.65 -7.23
C LYS A 336 -24.10 -3.03 -7.53
N GLU A 337 -23.27 -4.09 -7.53
CA GLU A 337 -23.68 -5.50 -7.79
C GLU A 337 -24.53 -6.02 -6.61
N CYS A 338 -24.16 -5.63 -5.38
CA CYS A 338 -24.87 -5.98 -4.13
C CYS A 338 -26.25 -5.29 -4.08
N LEU A 339 -26.31 -4.03 -4.53
CA LEU A 339 -27.56 -3.20 -4.58
C LEU A 339 -28.55 -3.82 -5.59
N GLU A 340 -28.03 -4.60 -6.55
CA GLU A 340 -28.83 -5.35 -7.56
C GLU A 340 -28.72 -6.85 -7.29
N LEU A 349 -22.97 -12.85 -2.30
CA LEU A 349 -22.46 -11.67 -3.05
C LEU A 349 -21.17 -12.04 -3.77
N PRO A 350 -20.81 -11.32 -4.86
CA PRO A 350 -19.56 -11.58 -5.59
C PRO A 350 -18.37 -10.80 -5.01
N GLN A 351 -17.16 -11.39 -5.10
CA GLN A 351 -15.89 -10.76 -4.67
C GLN A 351 -15.29 -9.94 -5.83
N LEU A 352 -14.29 -9.10 -5.53
CA LEU A 352 -13.51 -8.32 -6.54
C LEU A 352 -12.41 -9.22 -7.13
N VAL A 353 -12.25 -9.18 -8.45
CA VAL A 353 -11.17 -9.89 -9.20
C VAL A 353 -10.12 -8.86 -9.64
N TYR A 354 -8.89 -9.32 -9.89
CA TYR A 354 -7.67 -8.46 -10.03
C TYR A 354 -6.84 -8.91 -11.25
N HIS A 355 -7.46 -9.65 -12.19
CA HIS A 355 -6.77 -10.33 -13.33
C HIS A 355 -7.30 -9.78 -14.69
N VAL A 356 -8.56 -9.33 -14.73
CA VAL A 356 -9.23 -8.78 -15.95
C VAL A 356 -9.45 -7.27 -15.77
N GLY A 357 -9.42 -6.52 -16.88
CA GLY A 357 -9.68 -5.06 -16.91
C GLY A 357 -11.08 -4.74 -17.40
N ASN A 358 -11.80 -3.87 -16.69
CA ASN A 358 -13.18 -3.45 -17.00
C ASN A 358 -13.41 -3.60 -18.52
N GLN A 366 -9.50 1.63 -16.79
CA GLN A 366 -9.57 0.16 -17.07
C GLN A 366 -9.52 -0.62 -15.73
N TRP A 367 -8.54 -0.29 -14.87
CA TRP A 367 -8.21 -1.04 -13.63
C TRP A 367 -8.97 -0.46 -12.42
N ALA A 368 -10.00 0.36 -12.69
CA ALA A 368 -10.89 0.96 -11.67
C ALA A 368 -11.89 -0.09 -11.18
N ASN A 369 -12.18 -0.08 -9.86
CA ASN A 369 -13.24 -0.92 -9.23
C ASN A 369 -14.60 -0.24 -9.45
N LYS A 370 -15.12 -0.30 -10.69
CA LYS A 370 -16.38 0.36 -11.14
C LYS A 370 -17.55 -0.21 -10.34
N GLY A 371 -18.51 0.65 -9.98
CA GLY A 371 -19.68 0.29 -9.15
C GLY A 371 -19.32 0.23 -7.66
N GLY A 372 -18.22 0.90 -7.27
CA GLY A 372 -17.79 1.06 -5.85
C GLY A 372 -17.34 -0.26 -5.24
N LEU A 373 -17.29 -0.33 -3.90
CA LEU A 373 -16.90 -1.54 -3.13
C LEU A 373 -17.48 -1.46 -1.71
N ILE A 374 -17.57 -2.61 -1.02
CA ILE A 374 -17.76 -2.73 0.45
C ILE A 374 -16.66 -3.65 1.01
N ALA A 375 -15.89 -3.17 1.97
CA ALA A 375 -14.84 -3.93 2.69
C ALA A 375 -15.38 -4.37 4.06
N TYR A 376 -15.56 -5.68 4.25
CA TYR A 376 -16.17 -6.28 5.46
C TYR A 376 -15.18 -7.29 6.08
N ARG A 377 -15.22 -7.42 7.40
CA ARG A 377 -14.39 -8.38 8.17
C ARG A 377 -15.21 -9.67 8.41
N SER A 378 -16.48 -9.51 8.79
CA SER A 378 -17.42 -10.63 9.07
C SER A 378 -18.57 -10.61 8.04
N GLU A 379 -18.77 -11.72 7.33
CA GLU A 379 -19.83 -11.88 6.28
C GLU A 379 -21.22 -11.73 6.91
N LYS A 380 -21.34 -12.02 8.22
CA LYS A 380 -22.58 -11.83 9.02
C LYS A 380 -22.85 -10.32 9.17
N GLN A 381 -21.83 -9.55 9.59
CA GLN A 381 -21.88 -8.06 9.73
C GLN A 381 -22.20 -7.43 8.36
N LEU A 382 -21.70 -8.04 7.28
CA LEU A 382 -21.98 -7.63 5.87
C LEU A 382 -23.48 -7.76 5.59
N GLU A 383 -24.07 -8.91 5.93
CA GLU A 383 -25.53 -9.20 5.76
C GLU A 383 -26.34 -8.23 6.63
N THR A 384 -25.94 -8.06 7.90
CA THR A 384 -26.57 -7.12 8.89
C THR A 384 -26.66 -5.72 8.27
N PHE A 385 -25.55 -5.23 7.69
CA PHE A 385 -25.42 -3.88 7.09
C PHE A 385 -26.26 -3.80 5.81
N LEU A 386 -26.17 -4.83 4.96
CA LEU A 386 -26.84 -4.90 3.63
C LEU A 386 -28.36 -4.97 3.82
N SER A 387 -28.82 -5.47 4.98
CA SER A 387 -30.25 -5.54 5.39
C SER A 387 -30.83 -4.13 5.52
N ARG A 388 -30.21 -3.29 6.38
CA ARG A 388 -30.65 -1.88 6.67
C ARG A 388 -30.81 -1.12 5.34
N LEU A 389 -29.75 -1.07 4.53
CA LEU A 389 -29.71 -0.33 3.24
C LEU A 389 -30.51 -1.11 2.19
GD GD B . 0.19 6.34 -4.52
GD GD C . -4.07 5.12 -4.35
S SO4 D . -9.81 10.11 0.77
O1 SO4 D . -10.15 11.09 -0.23
O2 SO4 D . -9.92 8.79 0.20
O3 SO4 D . -8.45 10.33 1.20
O4 SO4 D . -10.70 10.23 1.89
S SO4 E . -3.05 8.36 -4.33
O1 SO4 E . -4.38 8.12 -4.83
O2 SO4 E . -2.36 7.10 -4.19
O3 SO4 E . -3.13 8.99 -3.05
O4 SO4 E . -2.32 9.20 -5.24
#